data_4UTK
#
_entry.id   4UTK
#
_cell.length_a   57.670
_cell.length_b   83.450
_cell.length_c   157.130
_cell.angle_alpha   90.00
_cell.angle_beta   90.00
_cell.angle_gamma   90.00
#
_symmetry.space_group_name_H-M   'I 2 2 2'
#
loop_
_entity.id
_entity.type
_entity.pdbx_description
1 polymer 'XENOBIOTIC REDUCTASE'
2 non-polymer 1-DEOXY-1-(7,8-DIMETHYL-2,4-DIOXO-3,4-DIHYDRO-2H-BENZO[G]PTERIDIN-1-ID-10(5H)-YL)-5-O-PHOSPHONATO-D-RIBITOL
3 non-polymer 'SULFATE ION'
4 water water
#
_entity_poly.entity_id   1
_entity_poly.type   'polypeptide(L)'
_entity_poly.pdbx_seq_one_letter_code
;GHMSALFEPYTLKDVTLRNRIAIPPMCQYMAEDGMINDWHHVHLAGLARGGAGLLVVEATAVAPEGRITPGCAGIWSDAH
AQAFVPVVQAIKAAGSVPGIQIAHAGRKASANRPWEGDDHIAADDTRGWETIAPSAIAFGAHLPKVPREMTLDDIARVKQ
DFVDAARRARDAGFEWIELHFAHGFLGQSFFSEHSNKRTDAYGGSFDNRSRFLLETLAAVREVWPENLPLTARFGVLEYD
GRDEQTLEESIELARRFKAGGLDLLSVSVGFTIPDTNIPWGPAFMGPIAERVRREAKLPVTSAWGFGTPQLAEAALQANQ
LDLVSVGRAHLADPHWAYFAAKELGVEKASWTLPAPYAHWLERYR
;
_entity_poly.pdbx_strand_id   A
#
loop_
_chem_comp.id
_chem_comp.type
_chem_comp.name
_chem_comp.formula
FNR non-polymer 1-DEOXY-1-(7,8-DIMETHYL-2,4-DIOXO-3,4-DIHYDRO-2H-BENZO[G]PTERIDIN-1-ID-10(5H)-YL)-5-O-PHOSPHONATO-D-RIBITOL 'C17 H23 N4 O9 P'
SO4 non-polymer 'SULFATE ION' 'O4 S -2'
#
# COMPACT_ATOMS: atom_id res chain seq x y z
N SER A 4 7.63 -10.34 -23.95
CA SER A 4 6.47 -9.68 -23.36
C SER A 4 6.87 -8.61 -22.36
N ALA A 5 6.08 -7.54 -22.31
CA ALA A 5 6.31 -6.42 -21.41
C ALA A 5 6.23 -6.84 -19.94
N LEU A 6 5.30 -7.73 -19.63
CA LEU A 6 5.10 -8.16 -18.25
C LEU A 6 6.35 -8.82 -17.68
N PHE A 7 7.19 -9.39 -18.54
CA PHE A 7 8.36 -10.12 -18.05
C PHE A 7 9.67 -9.39 -18.31
N GLU A 8 9.58 -8.10 -18.62
N GLU A 8 9.57 -8.10 -18.63
CA GLU A 8 10.77 -7.25 -18.70
CA GLU A 8 10.74 -7.23 -18.68
C GLU A 8 11.14 -6.77 -17.29
C GLU A 8 11.13 -6.80 -17.26
N PRO A 9 12.44 -6.79 -16.96
CA PRO A 9 12.88 -6.32 -15.66
C PRO A 9 12.64 -4.84 -15.51
N TYR A 10 12.63 -4.37 -14.26
CA TYR A 10 12.43 -2.95 -13.96
C TYR A 10 13.43 -2.51 -12.91
N THR A 11 14.12 -1.40 -13.17
CA THR A 11 15.06 -0.86 -12.20
C THR A 11 14.58 0.49 -11.68
N LEU A 12 14.56 0.58 -10.36
CA LEU A 12 14.21 1.80 -9.64
C LEU A 12 15.27 1.99 -8.57
N LYS A 13 15.93 3.15 -8.58
CA LYS A 13 17.12 3.35 -7.75
CA LYS A 13 17.11 3.35 -7.73
C LYS A 13 18.07 2.17 -7.92
N ASP A 14 18.50 1.52 -6.82
CA ASP A 14 19.50 0.44 -6.95
C ASP A 14 18.88 -0.95 -6.99
N VAL A 15 17.56 -1.00 -7.09
CA VAL A 15 16.81 -2.25 -6.99
C VAL A 15 16.30 -2.64 -8.38
N THR A 16 16.53 -3.89 -8.76
CA THR A 16 16.02 -4.42 -10.02
C THR A 16 15.06 -5.56 -9.75
N LEU A 17 13.86 -5.40 -10.31
CA LEU A 17 12.82 -6.41 -10.24
CA LEU A 17 12.81 -6.40 -10.24
C LEU A 17 12.93 -7.28 -11.47
N ARG A 18 12.80 -8.60 -11.30
CA ARG A 18 13.00 -9.53 -12.41
C ARG A 18 11.89 -9.47 -13.47
N ASN A 19 10.75 -8.90 -13.10
CA ASN A 19 9.62 -8.71 -14.02
C ASN A 19 8.74 -7.59 -13.48
N ARG A 20 7.64 -7.32 -14.17
CA ARG A 20 6.76 -6.21 -13.80
C ARG A 20 5.55 -6.64 -12.99
N ILE A 21 5.59 -7.85 -12.44
CA ILE A 21 4.49 -8.32 -11.59
C ILE A 21 4.82 -7.99 -10.16
N ALA A 22 3.97 -7.17 -9.55
CA ALA A 22 4.05 -6.82 -8.15
C ALA A 22 2.90 -7.47 -7.41
N ILE A 23 3.22 -8.05 -6.27
CA ILE A 23 2.18 -8.53 -5.37
C ILE A 23 1.90 -7.41 -4.37
N PRO A 24 0.70 -6.81 -4.41
CA PRO A 24 0.45 -5.65 -3.55
C PRO A 24 0.24 -6.10 -2.13
N PRO A 25 0.31 -5.16 -1.18
CA PRO A 25 0.07 -5.50 0.22
C PRO A 25 -1.33 -6.06 0.40
N MET A 26 -1.42 -7.20 1.09
CA MET A 26 -2.69 -7.84 1.38
C MET A 26 -2.73 -8.35 2.81
N CYS A 27 -3.45 -7.63 3.66
CA CYS A 27 -3.67 -8.05 5.05
C CYS A 27 -4.09 -9.51 5.18
N GLN A 28 -3.48 -10.21 6.13
CA GLN A 28 -3.79 -11.60 6.41
C GLN A 28 -4.60 -11.80 7.69
N TYR A 29 -4.57 -10.81 8.57
CA TYR A 29 -5.34 -10.84 9.81
C TYR A 29 -4.96 -12.00 10.72
N MET A 30 -3.69 -12.40 10.69
CA MET A 30 -3.21 -13.58 11.40
C MET A 30 -2.11 -13.29 12.42
N ALA A 31 -1.77 -12.02 12.62
CA ALA A 31 -0.80 -11.65 13.64
C ALA A 31 -1.43 -11.57 15.04
N GLU A 32 -0.57 -11.59 16.06
CA GLU A 32 -1.03 -11.52 17.46
C GLU A 32 -0.26 -10.41 18.14
N ASP A 33 -0.99 -9.42 18.66
CA ASP A 33 -0.35 -8.23 19.25
CA ASP A 33 -0.39 -8.19 19.22
C ASP A 33 0.69 -7.66 18.30
N GLY A 34 0.39 -7.70 17.00
CA GLY A 34 1.26 -7.16 15.98
C GLY A 34 2.34 -8.10 15.47
N MET A 35 2.56 -9.21 16.18
CA MET A 35 3.68 -10.10 15.89
C MET A 35 3.30 -11.07 14.80
N ILE A 36 4.06 -11.09 13.72
CA ILE A 36 3.82 -12.06 12.66
C ILE A 36 4.31 -13.43 13.13
N ASN A 37 3.98 -14.45 12.36
CA ASN A 37 4.26 -15.83 12.76
C ASN A 37 4.40 -16.75 11.54
N ASP A 38 4.25 -18.05 11.71
CA ASP A 38 4.49 -18.94 10.59
C ASP A 38 3.41 -18.84 9.52
N TRP A 39 2.24 -18.26 9.84
CA TRP A 39 1.27 -17.99 8.79
C TRP A 39 1.93 -17.14 7.71
N HIS A 40 2.47 -16.00 8.16
CA HIS A 40 3.07 -15.02 7.28
C HIS A 40 4.32 -15.53 6.61
N HIS A 41 5.14 -16.27 7.36
CA HIS A 41 6.40 -16.75 6.81
C HIS A 41 6.15 -17.63 5.57
N VAL A 42 5.26 -18.62 5.71
CA VAL A 42 5.01 -19.55 4.61
C VAL A 42 4.23 -18.86 3.48
N HIS A 43 3.26 -18.03 3.85
CA HIS A 43 2.48 -17.26 2.88
C HIS A 43 3.39 -16.44 1.98
N LEU A 44 4.29 -15.67 2.59
CA LEU A 44 5.15 -14.73 1.86
C LEU A 44 6.27 -15.43 1.11
N ALA A 45 6.91 -16.40 1.77
CA ALA A 45 7.93 -17.14 1.06
C ALA A 45 7.35 -17.92 -0.12
N GLY A 46 6.17 -18.49 0.02
CA GLY A 46 5.54 -19.19 -1.09
C GLY A 46 5.25 -18.28 -2.26
N LEU A 47 4.73 -17.10 -1.98
CA LEU A 47 4.47 -16.10 -3.03
C LEU A 47 5.76 -15.70 -3.74
N ALA A 48 6.81 -15.47 -2.98
CA ALA A 48 8.07 -15.08 -3.58
C ALA A 48 8.58 -16.13 -4.55
N ARG A 49 8.41 -17.40 -4.18
CA ARG A 49 8.87 -18.48 -5.04
C ARG A 49 8.01 -18.60 -6.29
N GLY A 50 6.80 -18.05 -6.24
CA GLY A 50 5.89 -18.10 -7.38
C GLY A 50 6.32 -17.28 -8.61
N GLY A 51 7.27 -16.36 -8.43
CA GLY A 51 7.89 -15.72 -9.57
C GLY A 51 7.75 -14.22 -9.66
N ALA A 52 6.88 -13.63 -8.85
CA ALA A 52 6.65 -12.17 -8.95
C ALA A 52 7.94 -11.43 -8.64
N GLY A 53 8.13 -10.29 -9.30
CA GLY A 53 9.34 -9.50 -9.14
C GLY A 53 9.42 -8.77 -7.82
N LEU A 54 8.25 -8.39 -7.29
CA LEU A 54 8.17 -7.59 -6.07
C LEU A 54 7.06 -8.14 -5.21
N LEU A 55 7.35 -8.31 -3.92
CA LEU A 55 6.35 -8.75 -2.96
C LEU A 55 6.26 -7.75 -1.84
N VAL A 56 5.15 -7.01 -1.76
CA VAL A 56 4.99 -6.02 -0.72
C VAL A 56 4.18 -6.61 0.43
N VAL A 57 4.81 -6.71 1.59
CA VAL A 57 4.12 -7.15 2.80
C VAL A 57 2.94 -6.24 3.15
N GLU A 58 1.87 -6.87 3.64
CA GLU A 58 0.62 -6.25 4.03
C GLU A 58 0.78 -5.01 4.92
N ALA A 59 -0.25 -4.16 4.97
CA ALA A 59 -0.28 -3.02 5.87
C ALA A 59 0.20 -3.39 7.26
N THR A 60 1.32 -2.79 7.66
CA THR A 60 1.93 -3.10 8.94
C THR A 60 1.90 -1.83 9.80
N ALA A 61 1.22 -1.92 10.94
CA ALA A 61 0.90 -0.73 11.76
C ALA A 61 2.13 -0.12 12.43
N VAL A 62 2.22 1.19 12.32
CA VAL A 62 3.31 1.92 12.95
C VAL A 62 3.10 2.12 14.47
N ALA A 63 1.89 1.81 14.94
CA ALA A 63 1.49 2.00 16.32
C ALA A 63 0.30 1.07 16.59
N PRO A 64 0.15 0.59 17.83
CA PRO A 64 -0.92 -0.38 18.08
C PRO A 64 -2.31 0.09 17.66
N GLU A 65 -2.64 1.36 17.93
CA GLU A 65 -3.97 1.87 17.62
C GLU A 65 -4.15 2.09 16.12
N GLY A 66 -3.07 1.98 15.35
CA GLY A 66 -3.15 2.12 13.90
C GLY A 66 -3.32 0.82 13.15
N ARG A 67 -3.39 -0.30 13.86
CA ARG A 67 -3.85 -1.55 13.24
C ARG A 67 -5.28 -1.38 12.73
N ILE A 68 -5.65 -2.09 11.65
CA ILE A 68 -7.06 -2.12 11.29
C ILE A 68 -7.82 -3.01 12.29
N THR A 69 -7.24 -4.15 12.64
CA THR A 69 -7.90 -5.19 13.41
C THR A 69 -6.93 -5.80 14.45
N PRO A 70 -7.47 -6.63 15.37
CA PRO A 70 -6.62 -7.33 16.34
C PRO A 70 -5.68 -8.36 15.69
N GLY A 71 -5.90 -8.67 14.42
CA GLY A 71 -5.02 -9.57 13.70
C GLY A 71 -3.99 -8.92 12.79
N CYS A 72 -3.92 -7.60 12.81
CA CYS A 72 -2.99 -6.93 11.93
C CYS A 72 -1.54 -6.96 12.40
N ALA A 73 -0.63 -7.00 11.44
CA ALA A 73 0.80 -6.95 11.69
C ALA A 73 1.20 -5.56 12.18
N GLY A 74 2.29 -5.51 12.95
CA GLY A 74 2.80 -4.27 13.47
C GLY A 74 4.31 -4.23 13.41
N ILE A 75 4.87 -3.01 13.46
CA ILE A 75 6.31 -2.84 13.48
C ILE A 75 6.64 -1.69 14.43
N TRP A 76 5.89 -1.61 15.52
CA TRP A 76 5.98 -0.52 16.48
C TRP A 76 7.00 -0.74 17.61
N SER A 77 7.77 -1.82 17.51
CA SER A 77 8.88 -2.08 18.42
C SER A 77 9.96 -2.85 17.71
N ASP A 78 11.15 -2.89 18.28
CA ASP A 78 12.26 -3.62 17.67
C ASP A 78 11.96 -5.12 17.63
N ALA A 79 11.28 -5.66 18.64
CA ALA A 79 10.90 -7.06 18.62
C ALA A 79 9.97 -7.38 17.43
N HIS A 80 9.04 -6.48 17.13
CA HIS A 80 8.16 -6.66 15.96
C HIS A 80 8.96 -6.68 14.68
N ALA A 81 9.94 -5.80 14.56
CA ALA A 81 10.77 -5.73 13.38
C ALA A 81 11.61 -6.97 13.19
N GLN A 82 12.18 -7.45 14.30
CA GLN A 82 13.02 -8.62 14.21
C GLN A 82 12.28 -9.85 13.68
N ALA A 83 10.98 -9.91 13.94
CA ALA A 83 10.15 -11.03 13.48
C ALA A 83 10.08 -11.10 11.96
N PHE A 84 10.25 -9.95 11.29
CA PHE A 84 10.30 -9.93 9.85
C PHE A 84 11.60 -10.44 9.25
N VAL A 85 12.70 -10.48 10.01
CA VAL A 85 13.98 -10.77 9.40
C VAL A 85 14.04 -12.12 8.64
N PRO A 86 13.55 -13.22 9.25
CA PRO A 86 13.61 -14.50 8.52
C PRO A 86 12.72 -14.50 7.25
N VAL A 87 11.64 -13.75 7.27
CA VAL A 87 10.77 -13.70 6.09
C VAL A 87 11.41 -12.89 4.98
N VAL A 88 11.99 -11.74 5.34
CA VAL A 88 12.76 -10.98 4.35
C VAL A 88 13.83 -11.85 3.72
N GLN A 89 14.58 -12.57 4.56
CA GLN A 89 15.63 -13.43 4.07
C GLN A 89 15.07 -14.52 3.14
N ALA A 90 13.91 -15.08 3.46
CA ALA A 90 13.28 -16.09 2.58
C ALA A 90 12.79 -15.51 1.23
N ILE A 91 12.27 -14.29 1.28
CA ILE A 91 11.84 -13.64 0.04
C ILE A 91 13.04 -13.40 -0.88
N LYS A 92 14.14 -12.90 -0.32
CA LYS A 92 15.34 -12.66 -1.11
C LYS A 92 15.91 -13.94 -1.66
N ALA A 93 15.86 -14.99 -0.86
CA ALA A 93 16.40 -16.27 -1.29
C ALA A 93 15.69 -16.77 -2.54
N ALA A 94 14.41 -16.44 -2.66
CA ALA A 94 13.59 -16.83 -3.79
C ALA A 94 13.76 -15.89 -5.01
N GLY A 95 14.51 -14.79 -4.85
CA GLY A 95 14.77 -13.90 -5.97
C GLY A 95 13.75 -12.79 -6.17
N SER A 96 12.82 -12.66 -5.24
CA SER A 96 11.87 -11.55 -5.26
C SER A 96 12.41 -10.42 -4.39
N VAL A 97 11.93 -9.21 -4.65
CA VAL A 97 12.35 -8.07 -3.86
C VAL A 97 11.35 -7.90 -2.73
N PRO A 98 11.84 -7.89 -1.49
CA PRO A 98 10.93 -7.71 -0.34
C PRO A 98 10.61 -6.24 -0.08
N GLY A 99 9.32 -5.91 -0.12
CA GLY A 99 8.86 -4.60 0.30
C GLY A 99 7.90 -4.69 1.47
N ILE A 100 7.59 -3.55 2.07
CA ILE A 100 6.61 -3.52 3.16
C ILE A 100 5.83 -2.21 3.10
N GLN A 101 4.53 -2.32 3.36
CA GLN A 101 3.67 -1.16 3.48
C GLN A 101 3.48 -0.83 4.94
N ILE A 102 3.87 0.38 5.33
CA ILE A 102 3.69 0.82 6.71
C ILE A 102 2.49 1.75 6.82
N ALA A 103 1.72 1.60 7.89
CA ALA A 103 0.35 2.07 7.86
C ALA A 103 -0.17 2.56 9.21
N HIS A 104 -1.21 3.36 9.15
CA HIS A 104 -1.99 3.71 10.33
C HIS A 104 -3.45 3.88 9.90
N ALA A 105 -4.33 3.06 10.47
CA ALA A 105 -5.70 2.95 9.96
C ALA A 105 -6.61 4.10 10.40
N GLY A 106 -6.14 4.99 11.27
CA GLY A 106 -6.96 6.14 11.62
C GLY A 106 -8.35 5.77 12.10
N ARG A 107 -9.38 6.43 11.54
CA ARG A 107 -10.75 6.21 12.04
C ARG A 107 -11.34 4.86 11.66
N LYS A 108 -10.66 4.14 10.78
CA LYS A 108 -11.11 2.81 10.37
C LYS A 108 -10.44 1.71 11.17
N ALA A 109 -9.71 2.09 12.21
CA ALA A 109 -9.06 1.12 13.10
C ALA A 109 -10.06 0.49 14.06
N SER A 110 -9.57 -0.50 14.83
CA SER A 110 -10.36 -1.16 15.87
C SER A 110 -11.58 -1.84 15.27
N ALA A 111 -11.36 -2.54 14.16
CA ALA A 111 -12.40 -3.28 13.46
C ALA A 111 -12.19 -4.78 13.57
N ASN A 112 -13.29 -5.51 13.40
CA ASN A 112 -13.23 -6.96 13.26
C ASN A 112 -12.60 -7.42 11.96
N ARG A 113 -12.06 -8.64 11.99
CA ARG A 113 -11.59 -9.27 10.77
C ARG A 113 -12.75 -9.33 9.78
N PRO A 114 -12.45 -9.33 8.48
CA PRO A 114 -13.53 -9.27 7.48
C PRO A 114 -14.48 -10.48 7.50
N TRP A 115 -13.99 -11.65 7.90
CA TRP A 115 -14.85 -12.81 8.07
C TRP A 115 -15.43 -12.96 9.48
N GLU A 116 -15.24 -11.93 10.30
CA GLU A 116 -15.73 -11.91 11.67
C GLU A 116 -16.56 -10.65 11.93
N GLY A 117 -17.25 -10.17 10.88
CA GLY A 117 -18.15 -9.04 10.96
C GLY A 117 -17.75 -7.82 10.16
N ASP A 118 -16.43 -7.62 9.97
CA ASP A 118 -15.90 -6.54 9.14
C ASP A 118 -16.28 -5.14 9.62
N ASP A 119 -16.72 -5.05 10.87
CA ASP A 119 -17.30 -3.82 11.41
C ASP A 119 -16.51 -3.35 12.64
N HIS A 120 -16.78 -2.14 13.10
CA HIS A 120 -16.09 -1.69 14.33
C HIS A 120 -16.39 -2.64 15.49
N ILE A 121 -15.38 -2.86 16.31
CA ILE A 121 -15.50 -3.71 17.47
C ILE A 121 -16.42 -3.10 18.49
N ALA A 122 -17.25 -3.95 19.10
CA ALA A 122 -18.24 -3.53 20.09
C ALA A 122 -17.57 -2.87 21.28
N ALA A 123 -18.30 -1.96 21.91
CA ALA A 123 -17.75 -1.15 22.99
C ALA A 123 -17.24 -1.97 24.17
N ASP A 124 -17.89 -3.11 24.42
CA ASP A 124 -17.56 -3.93 25.61
C ASP A 124 -16.66 -5.12 25.27
N ASP A 125 -16.22 -5.20 24.02
CA ASP A 125 -15.28 -6.22 23.58
C ASP A 125 -13.89 -5.77 24.03
N THR A 126 -13.21 -6.60 24.82
CA THR A 126 -11.91 -6.24 25.38
C THR A 126 -10.83 -6.05 24.34
N ARG A 127 -11.12 -6.39 23.09
CA ARG A 127 -10.11 -6.32 22.04
C ARG A 127 -10.05 -4.94 21.41
N GLY A 128 -11.07 -4.10 21.65
CA GLY A 128 -11.17 -2.82 20.95
C GLY A 128 -10.34 -1.70 21.55
N TRP A 129 -10.29 -0.57 20.85
CA TRP A 129 -9.51 0.56 21.31
C TRP A 129 -10.01 1.84 20.68
N GLU A 130 -9.68 2.95 21.31
CA GLU A 130 -10.01 4.25 20.76
C GLU A 130 -9.20 4.57 19.50
N THR A 131 -9.91 5.07 18.50
CA THR A 131 -9.29 5.44 17.25
C THR A 131 -8.96 6.92 17.26
N ILE A 132 -8.03 7.31 16.39
CA ILE A 132 -7.66 8.72 16.24
C ILE A 132 -7.74 9.13 14.79
N ALA A 133 -7.91 10.43 14.56
CA ALA A 133 -8.18 10.96 13.22
C ALA A 133 -7.97 12.47 13.20
N PRO A 134 -7.94 13.09 12.01
CA PRO A 134 -7.77 14.55 11.98
C PRO A 134 -8.94 15.27 12.68
N SER A 135 -10.14 14.71 12.53
CA SER A 135 -11.35 15.32 13.10
C SER A 135 -12.25 14.25 13.70
N ALA A 136 -13.06 14.63 14.69
CA ALA A 136 -13.95 13.71 15.39
C ALA A 136 -15.23 13.50 14.59
N ILE A 137 -15.09 12.73 13.52
CA ILE A 137 -16.18 12.44 12.60
CA ILE A 137 -16.20 12.44 12.63
C ILE A 137 -16.10 10.98 12.22
N ALA A 138 -17.19 10.24 12.39
CA ALA A 138 -17.19 8.81 12.04
C ALA A 138 -17.32 8.58 10.54
N PHE A 139 -16.69 7.50 10.07
CA PHE A 139 -16.85 7.03 8.70
C PHE A 139 -18.31 6.78 8.36
N GLY A 140 -19.01 6.08 9.28
CA GLY A 140 -20.41 5.77 9.14
C GLY A 140 -20.58 4.31 8.75
N ALA A 141 -21.79 3.95 8.34
CA ALA A 141 -22.09 2.59 7.91
C ALA A 141 -21.61 1.59 8.96
N HIS A 142 -20.76 0.65 8.55
CA HIS A 142 -20.29 -0.44 9.41
C HIS A 142 -19.14 0.00 10.34
N LEU A 143 -18.71 1.25 10.21
CA LEU A 143 -17.63 1.82 11.01
C LEU A 143 -18.14 3.09 11.70
N PRO A 144 -19.05 2.93 12.67
CA PRO A 144 -19.73 4.08 13.26
C PRO A 144 -18.97 4.77 14.41
N LYS A 145 -17.85 4.22 14.84
CA LYS A 145 -17.17 4.81 16.00
C LYS A 145 -16.60 6.17 15.66
N VAL A 146 -16.85 7.14 16.53
CA VAL A 146 -16.29 8.47 16.36
C VAL A 146 -14.86 8.50 16.87
N PRO A 147 -13.89 8.86 16.00
CA PRO A 147 -12.49 8.93 16.46
C PRO A 147 -12.21 10.16 17.32
N ARG A 148 -11.12 10.07 18.07
CA ARG A 148 -10.59 11.21 18.82
C ARG A 148 -9.84 12.14 17.87
N GLU A 149 -10.14 13.44 17.97
CA GLU A 149 -9.41 14.45 17.21
CA GLU A 149 -9.41 14.46 17.21
C GLU A 149 -7.97 14.55 17.71
N MET A 150 -7.02 14.39 16.79
CA MET A 150 -5.61 14.40 17.14
C MET A 150 -5.14 15.78 17.60
N THR A 151 -4.32 15.80 18.64
CA THR A 151 -3.59 17.01 19.02
C THR A 151 -2.33 17.18 18.17
N LEU A 152 -1.73 18.36 18.22
CA LEU A 152 -0.46 18.60 17.55
C LEU A 152 0.61 17.61 18.04
N ASP A 153 0.58 17.28 19.32
CA ASP A 153 1.52 16.30 19.86
CA ASP A 153 1.52 16.31 19.85
C ASP A 153 1.23 14.91 19.31
N ASP A 154 -0.05 14.57 19.12
CA ASP A 154 -0.40 13.30 18.44
C ASP A 154 0.19 13.24 17.02
N ILE A 155 0.10 14.36 16.30
CA ILE A 155 0.60 14.42 14.95
C ILE A 155 2.11 14.21 14.95
N ALA A 156 2.81 14.91 15.85
CA ALA A 156 4.24 14.72 15.97
C ALA A 156 4.59 13.28 16.30
N ARG A 157 3.83 12.68 17.22
CA ARG A 157 4.07 11.30 17.64
C ARG A 157 3.84 10.27 16.50
N VAL A 158 2.77 10.44 15.73
CA VAL A 158 2.50 9.51 14.64
C VAL A 158 3.54 9.66 13.55
N LYS A 159 3.96 10.89 13.25
CA LYS A 159 5.04 11.05 12.30
C LYS A 159 6.30 10.33 12.77
N GLN A 160 6.63 10.48 14.04
CA GLN A 160 7.79 9.79 14.58
C GLN A 160 7.61 8.26 14.51
N ASP A 161 6.39 7.78 14.70
CA ASP A 161 6.10 6.34 14.58
C ASP A 161 6.35 5.85 13.14
N PHE A 162 6.00 6.66 12.15
CA PHE A 162 6.34 6.33 10.75
C PHE A 162 7.85 6.30 10.53
N VAL A 163 8.57 7.28 11.10
CA VAL A 163 10.01 7.27 11.01
C VAL A 163 10.62 6.02 11.64
N ASP A 164 10.18 5.69 12.85
CA ASP A 164 10.71 4.52 13.55
C ASP A 164 10.41 3.24 12.77
N ALA A 165 9.19 3.15 12.25
CA ALA A 165 8.78 2.02 11.41
C ALA A 165 9.66 1.87 10.16
N ALA A 166 9.96 2.98 9.46
CA ALA A 166 10.81 2.93 8.28
C ALA A 166 12.24 2.53 8.62
N ARG A 167 12.75 3.03 9.75
CA ARG A 167 14.07 2.65 10.26
CA ARG A 167 14.06 2.66 10.24
C ARG A 167 14.10 1.16 10.53
N ARG A 168 13.05 0.66 11.16
CA ARG A 168 13.02 -0.77 11.52
C ARG A 168 12.92 -1.60 10.25
N ALA A 169 12.15 -1.11 9.28
CA ALA A 169 12.01 -1.84 8.02
C ALA A 169 13.36 -1.91 7.31
N ARG A 170 14.06 -0.79 7.27
CA ARG A 170 15.37 -0.72 6.69
C ARG A 170 16.28 -1.78 7.34
N ASP A 171 16.29 -1.80 8.67
CA ASP A 171 17.25 -2.64 9.38
C ASP A 171 16.84 -4.10 9.37
N ALA A 172 15.56 -4.37 9.07
CA ALA A 172 15.11 -5.75 8.90
C ALA A 172 15.45 -6.29 7.50
N GLY A 173 15.94 -5.42 6.61
CA GLY A 173 16.38 -5.85 5.28
C GLY A 173 15.44 -5.59 4.12
N PHE A 174 14.36 -4.87 4.36
CA PHE A 174 13.45 -4.55 3.26
C PHE A 174 14.12 -3.63 2.25
N GLU A 175 13.80 -3.82 0.97
CA GLU A 175 14.43 -3.07 -0.11
C GLU A 175 13.48 -2.12 -0.80
N TRP A 176 12.30 -1.97 -0.25
CA TRP A 176 11.21 -1.23 -0.90
C TRP A 176 10.23 -0.88 0.19
N ILE A 177 9.84 0.39 0.32
CA ILE A 177 8.87 0.76 1.33
C ILE A 177 7.70 1.49 0.69
N GLU A 178 6.52 1.29 1.26
CA GLU A 178 5.31 1.96 0.78
C GLU A 178 4.57 2.59 1.94
N LEU A 179 4.39 3.90 1.88
CA LEU A 179 3.60 4.60 2.86
C LEU A 179 2.13 4.48 2.49
N HIS A 180 1.32 4.01 3.43
CA HIS A 180 -0.10 3.78 3.17
C HIS A 180 -0.91 5.02 3.43
N PHE A 181 -1.01 5.84 2.39
CA PHE A 181 -1.79 7.08 2.44
C PHE A 181 -3.10 6.91 1.67
N ALA A 182 -3.64 5.70 1.65
CA ALA A 182 -4.86 5.43 0.89
C ALA A 182 -5.98 4.79 1.74
N HIS A 183 -7.06 4.43 1.07
CA HIS A 183 -8.14 3.60 1.60
C HIS A 183 -8.80 4.15 2.87
N GLY A 184 -8.81 5.48 2.98
CA GLY A 184 -9.56 6.13 4.03
C GLY A 184 -8.91 6.07 5.40
N PHE A 185 -7.68 5.59 5.44
CA PHE A 185 -6.90 5.47 6.66
C PHE A 185 -6.30 6.84 7.00
N LEU A 186 -5.40 6.89 7.98
CA LEU A 186 -5.05 8.18 8.59
C LEU A 186 -4.61 9.20 7.55
N GLY A 187 -3.62 8.85 6.74
CA GLY A 187 -3.11 9.79 5.75
C GLY A 187 -4.17 10.27 4.75
N GLN A 188 -4.93 9.36 4.19
CA GLN A 188 -5.97 9.73 3.24
C GLN A 188 -6.95 10.67 3.91
N SER A 189 -7.27 10.39 5.17
CA SER A 189 -8.26 11.18 5.88
C SER A 189 -7.77 12.60 6.22
N PHE A 190 -6.46 12.79 6.32
CA PHE A 190 -5.95 14.16 6.45
C PHE A 190 -6.11 14.91 5.14
N PHE A 191 -5.95 14.23 4.01
CA PHE A 191 -6.04 14.92 2.74
C PHE A 191 -7.47 15.32 2.37
N SER A 192 -8.43 14.46 2.68
CA SER A 192 -9.80 14.66 2.25
C SER A 192 -10.60 15.67 3.07
N GLU A 193 -11.26 16.57 2.35
CA GLU A 193 -12.18 17.51 2.96
C GLU A 193 -13.37 16.82 3.67
N HIS A 194 -13.74 15.62 3.23
CA HIS A 194 -14.82 14.88 3.90
C HIS A 194 -14.50 14.57 5.37
N SER A 195 -13.23 14.26 5.66
CA SER A 195 -12.84 13.77 6.98
C SER A 195 -12.01 14.77 7.76
N ASN A 196 -11.41 15.74 7.07
CA ASN A 196 -10.59 16.72 7.74
C ASN A 196 -11.28 18.07 7.80
N LYS A 197 -11.76 18.42 8.99
CA LYS A 197 -12.39 19.70 9.25
C LYS A 197 -11.53 20.59 10.17
N ARG A 198 -10.23 20.31 10.23
CA ARG A 198 -9.37 21.04 11.14
C ARG A 198 -9.19 22.49 10.70
N THR A 199 -8.92 23.38 11.65
CA THR A 199 -8.71 24.80 11.35
C THR A 199 -7.33 25.27 11.80
N ASP A 200 -6.45 24.32 12.09
CA ASP A 200 -5.06 24.63 12.37
C ASP A 200 -4.21 24.41 11.11
N ALA A 201 -2.91 24.26 11.28
CA ALA A 201 -2.01 24.12 10.15
C ALA A 201 -2.22 22.84 9.36
N TYR A 202 -3.04 21.92 9.88
CA TYR A 202 -3.18 20.60 9.23
C TYR A 202 -4.54 20.41 8.58
N GLY A 203 -5.32 21.48 8.47
CA GLY A 203 -6.60 21.44 7.81
C GLY A 203 -6.92 22.75 7.12
N GLY A 204 -7.87 22.69 6.20
CA GLY A 204 -8.36 23.86 5.49
C GLY A 204 -7.92 23.83 4.06
N SER A 205 -6.87 24.52 3.79
CA SER A 205 -6.34 24.68 2.47
C SER A 205 -5.72 23.39 1.94
N PHE A 206 -5.49 23.37 0.65
CA PHE A 206 -4.79 22.25 0.05
C PHE A 206 -3.41 22.04 0.71
N ASP A 207 -2.68 23.12 0.93
CA ASP A 207 -1.37 23.01 1.56
C ASP A 207 -1.49 22.41 2.96
N ASN A 208 -2.48 22.83 3.72
CA ASN A 208 -2.65 22.34 5.09
C ASN A 208 -3.09 20.89 5.14
N ARG A 209 -4.02 20.52 4.25
CA ARG A 209 -4.46 19.13 4.20
C ARG A 209 -3.35 18.21 3.71
N SER A 210 -2.47 18.71 2.86
CA SER A 210 -1.36 17.93 2.35
C SER A 210 -0.25 17.78 3.38
N ARG A 211 -0.26 18.65 4.39
CA ARG A 211 0.88 18.83 5.29
C ARG A 211 1.27 17.54 6.04
N PHE A 212 0.30 16.82 6.58
CA PHE A 212 0.63 15.61 7.35
C PHE A 212 1.38 14.61 6.45
N LEU A 213 0.87 14.48 5.23
CA LEU A 213 1.42 13.52 4.29
C LEU A 213 2.81 13.92 3.82
N LEU A 214 2.98 15.19 3.47
CA LEU A 214 4.29 15.66 3.04
C LEU A 214 5.34 15.67 4.15
N GLU A 215 4.95 16.06 5.37
CA GLU A 215 5.87 16.02 6.48
C GLU A 215 6.26 14.60 6.82
N THR A 216 5.32 13.66 6.68
CA THR A 216 5.60 12.28 7.06
C THR A 216 6.58 11.72 6.01
N LEU A 217 6.34 12.02 4.74
CA LEU A 217 7.26 11.60 3.69
C LEU A 217 8.66 12.14 3.93
N ALA A 218 8.76 13.44 4.23
CA ALA A 218 10.06 14.05 4.44
C ALA A 218 10.75 13.45 5.66
N ALA A 219 9.99 13.15 6.70
CA ALA A 219 10.60 12.59 7.92
C ALA A 219 11.09 11.15 7.65
N VAL A 220 10.30 10.38 6.92
CA VAL A 220 10.71 9.04 6.56
C VAL A 220 11.94 9.07 5.67
N ARG A 221 11.98 10.03 4.76
CA ARG A 221 13.08 10.13 3.83
C ARG A 221 14.43 10.29 4.53
N GLU A 222 14.42 10.87 5.73
CA GLU A 222 15.64 11.08 6.50
C GLU A 222 16.31 9.77 6.93
N VAL A 223 15.51 8.74 7.13
CA VAL A 223 16.05 7.46 7.62
C VAL A 223 16.05 6.37 6.56
N TRP A 224 15.19 6.50 5.57
CA TRP A 224 15.12 5.50 4.52
C TRP A 224 16.24 5.70 3.49
N PRO A 225 17.00 4.64 3.13
CA PRO A 225 18.13 4.82 2.22
C PRO A 225 17.77 5.43 0.87
N GLU A 226 18.59 6.36 0.39
N GLU A 226 18.57 6.37 0.39
CA GLU A 226 18.31 7.03 -0.87
CA GLU A 226 18.30 7.00 -0.90
C GLU A 226 18.44 6.11 -2.08
C GLU A 226 18.26 5.97 -2.01
N ASN A 227 19.09 4.95 -1.91
CA ASN A 227 19.26 3.98 -2.99
C ASN A 227 18.21 2.87 -3.03
N LEU A 228 17.20 2.96 -2.16
CA LEU A 228 16.09 2.01 -2.14
C LEU A 228 14.78 2.72 -2.46
N PRO A 229 13.93 2.13 -3.32
CA PRO A 229 12.68 2.82 -3.62
C PRO A 229 11.82 3.22 -2.44
N LEU A 230 11.38 4.47 -2.48
CA LEU A 230 10.50 5.07 -1.50
C LEU A 230 9.19 5.38 -2.23
N THR A 231 8.13 4.69 -1.82
CA THR A 231 6.87 4.76 -2.53
C THR A 231 5.71 5.03 -1.57
N ALA A 232 4.54 5.28 -2.14
CA ALA A 232 3.32 5.50 -1.36
C ALA A 232 2.11 5.03 -2.15
N ARG A 233 1.08 4.64 -1.41
CA ARG A 233 -0.23 4.36 -1.99
C ARG A 233 -1.12 5.52 -1.63
N PHE A 234 -1.88 5.99 -2.60
CA PHE A 234 -2.71 7.18 -2.40
C PHE A 234 -3.99 7.07 -3.21
N GLY A 235 -5.14 7.33 -2.58
CA GLY A 235 -6.41 7.30 -3.26
C GLY A 235 -6.61 8.62 -3.98
N VAL A 236 -6.57 8.59 -5.31
CA VAL A 236 -6.59 9.82 -6.12
C VAL A 236 -7.98 10.35 -6.46
N LEU A 237 -9.01 9.54 -6.25
CA LEU A 237 -10.40 10.02 -6.37
C LEU A 237 -11.28 9.13 -5.52
N GLU A 238 -12.51 9.59 -5.27
CA GLU A 238 -13.44 8.91 -4.37
C GLU A 238 -14.65 8.31 -5.06
N TYR A 239 -14.92 8.74 -6.30
CA TYR A 239 -16.19 8.46 -6.99
C TYR A 239 -17.36 8.96 -6.15
N ASP A 240 -17.22 10.21 -5.72
CA ASP A 240 -18.15 10.87 -4.79
C ASP A 240 -18.83 12.09 -5.43
N GLY A 241 -18.81 12.16 -6.75
CA GLY A 241 -19.37 13.31 -7.45
C GLY A 241 -18.46 14.53 -7.50
N ARG A 242 -17.23 14.39 -7.00
N ARG A 242 -17.23 14.39 -7.00
CA ARG A 242 -16.26 15.49 -6.98
CA ARG A 242 -16.26 15.49 -6.96
C ARG A 242 -14.98 15.06 -7.69
C ARG A 242 -14.98 15.07 -7.69
N ASP A 243 -15.10 14.18 -8.66
CA ASP A 243 -13.93 13.52 -9.23
C ASP A 243 -12.92 14.39 -9.97
N GLU A 244 -13.38 15.30 -10.81
CA GLU A 244 -12.42 16.10 -11.56
C GLU A 244 -11.60 17.02 -10.63
N GLN A 245 -12.26 17.69 -9.68
CA GLN A 245 -11.51 18.53 -8.77
C GLN A 245 -10.61 17.71 -7.81
N THR A 246 -11.11 16.58 -7.35
CA THR A 246 -10.30 15.72 -6.48
C THR A 246 -9.07 15.18 -7.23
N LEU A 247 -9.26 14.71 -8.47
CA LEU A 247 -8.12 14.22 -9.24
CA LEU A 247 -8.14 14.24 -9.28
C LEU A 247 -7.10 15.32 -9.49
N GLU A 248 -7.56 16.53 -9.78
CA GLU A 248 -6.63 17.64 -9.99
C GLU A 248 -5.76 17.88 -8.74
N GLU A 249 -6.38 17.93 -7.57
CA GLU A 249 -5.63 18.10 -6.33
C GLU A 249 -4.70 16.92 -6.05
N SER A 250 -5.18 15.71 -6.33
CA SER A 250 -4.38 14.53 -6.10
C SER A 250 -3.14 14.52 -6.97
N ILE A 251 -3.30 14.94 -8.23
CA ILE A 251 -2.18 15.04 -9.13
C ILE A 251 -1.18 16.12 -8.68
N GLU A 252 -1.69 17.21 -8.13
CA GLU A 252 -0.84 18.25 -7.56
C GLU A 252 -0.05 17.68 -6.37
N LEU A 253 -0.73 16.93 -5.52
CA LEU A 253 -0.04 16.29 -4.39
C LEU A 253 1.02 15.31 -4.89
N ALA A 254 0.71 14.58 -5.96
CA ALA A 254 1.68 13.65 -6.52
C ALA A 254 2.96 14.36 -7.01
N ARG A 255 2.77 15.53 -7.61
CA ARG A 255 3.91 16.34 -8.00
C ARG A 255 4.75 16.72 -6.79
N ARG A 256 4.10 17.06 -5.67
CA ARG A 256 4.83 17.40 -4.45
CA ARG A 256 4.82 17.38 -4.43
C ARG A 256 5.55 16.17 -3.89
N PHE A 257 4.92 14.99 -4.00
CA PHE A 257 5.55 13.77 -3.53
C PHE A 257 6.82 13.54 -4.34
N LYS A 258 6.69 13.64 -5.65
CA LYS A 258 7.84 13.47 -6.53
C LYS A 258 8.97 14.42 -6.15
N ALA A 259 8.65 15.70 -5.94
CA ALA A 259 9.65 16.69 -5.56
C ALA A 259 10.27 16.36 -4.20
N GLY A 260 9.55 15.60 -3.38
CA GLY A 260 10.03 15.22 -2.06
C GLY A 260 10.66 13.85 -2.02
N GLY A 261 11.00 13.32 -3.19
CA GLY A 261 11.78 12.10 -3.25
C GLY A 261 10.99 10.81 -3.45
N LEU A 262 9.69 10.90 -3.71
CA LEU A 262 8.92 9.69 -4.00
C LEU A 262 9.32 9.07 -5.36
N ASP A 263 9.58 7.78 -5.38
CA ASP A 263 10.07 7.10 -6.58
C ASP A 263 8.97 6.49 -7.43
N LEU A 264 7.84 6.18 -6.81
CA LEU A 264 6.75 5.49 -7.52
C LEU A 264 5.49 5.67 -6.66
N LEU A 265 4.35 5.83 -7.32
CA LEU A 265 3.06 6.01 -6.66
C LEU A 265 2.13 4.83 -7.00
N SER A 266 1.62 4.18 -5.97
CA SER A 266 0.57 3.19 -6.15
C SER A 266 -0.76 3.92 -6.12
N VAL A 267 -1.43 3.95 -7.28
CA VAL A 267 -2.63 4.75 -7.49
C VAL A 267 -3.87 3.93 -7.15
N SER A 268 -4.67 4.43 -6.23
CA SER A 268 -5.82 3.68 -5.76
C SER A 268 -7.03 4.60 -5.66
N VAL A 269 -8.07 4.08 -5.07
CA VAL A 269 -9.28 4.83 -4.77
C VAL A 269 -9.23 5.23 -3.30
N GLY A 270 -9.91 6.33 -2.97
CA GLY A 270 -9.86 6.87 -1.61
C GLY A 270 -10.53 6.03 -0.52
N PHE A 271 -11.73 5.53 -0.78
CA PHE A 271 -12.53 4.85 0.25
CA PHE A 271 -12.51 4.83 0.24
C PHE A 271 -12.65 5.67 1.53
N THR A 272 -12.68 6.99 1.40
CA THR A 272 -12.66 7.84 2.58
C THR A 272 -14.04 7.90 3.26
N ILE A 273 -15.09 7.78 2.47
CA ILE A 273 -16.47 7.80 2.95
C ILE A 273 -17.25 6.68 2.29
N PRO A 274 -18.36 6.25 2.90
CA PRO A 274 -19.14 5.15 2.31
C PRO A 274 -20.10 5.49 1.15
N ASP A 275 -20.56 6.73 1.04
N ASP A 275 -20.55 6.73 1.03
CA ASP A 275 -21.55 7.07 0.01
CA ASP A 275 -21.56 7.06 0.02
C ASP A 275 -20.89 7.41 -1.32
C ASP A 275 -20.92 7.40 -1.33
N THR A 276 -20.52 6.37 -2.07
CA THR A 276 -19.79 6.54 -3.32
C THR A 276 -20.32 5.54 -4.36
N ASN A 277 -19.85 5.67 -5.59
CA ASN A 277 -20.30 4.81 -6.68
C ASN A 277 -19.11 4.44 -7.53
N ILE A 278 -18.36 3.44 -7.06
CA ILE A 278 -17.12 3.03 -7.69
C ILE A 278 -17.44 2.11 -8.86
N PRO A 279 -16.94 2.44 -10.06
CA PRO A 279 -17.30 1.64 -11.24
C PRO A 279 -16.38 0.44 -11.45
N TRP A 280 -16.49 -0.53 -10.54
CA TRP A 280 -15.65 -1.71 -10.59
C TRP A 280 -15.74 -2.38 -11.94
N GLY A 281 -14.60 -2.82 -12.44
CA GLY A 281 -14.52 -3.58 -13.67
C GLY A 281 -13.08 -3.89 -13.99
N PRO A 282 -12.86 -4.74 -14.99
CA PRO A 282 -11.50 -5.12 -15.35
C PRO A 282 -10.66 -3.92 -15.74
N ALA A 283 -9.50 -3.78 -15.09
CA ALA A 283 -8.54 -2.73 -15.38
C ALA A 283 -9.13 -1.32 -15.29
N PHE A 284 -10.17 -1.14 -14.50
CA PHE A 284 -10.87 0.15 -14.53
C PHE A 284 -9.98 1.33 -14.11
N MET A 285 -8.99 1.06 -13.27
CA MET A 285 -8.09 2.13 -12.85
C MET A 285 -7.04 2.52 -13.90
N GLY A 286 -6.91 1.79 -14.98
CA GLY A 286 -5.88 2.06 -15.97
C GLY A 286 -5.82 3.50 -16.46
N PRO A 287 -6.96 4.06 -16.91
CA PRO A 287 -6.90 5.43 -17.44
C PRO A 287 -6.59 6.47 -16.38
N ILE A 288 -7.02 6.23 -15.14
CA ILE A 288 -6.74 7.15 -14.05
C ILE A 288 -5.25 7.08 -13.72
N ALA A 289 -4.74 5.86 -13.57
CA ALA A 289 -3.30 5.71 -13.32
C ALA A 289 -2.46 6.37 -14.42
N GLU A 290 -2.88 6.21 -15.68
CA GLU A 290 -2.15 6.79 -16.80
CA GLU A 290 -2.13 6.79 -16.79
C GLU A 290 -2.11 8.31 -16.69
N ARG A 291 -3.24 8.90 -16.31
CA ARG A 291 -3.30 10.35 -16.18
C ARG A 291 -2.36 10.87 -15.09
N VAL A 292 -2.29 10.17 -13.96
CA VAL A 292 -1.41 10.58 -12.89
C VAL A 292 0.03 10.42 -13.34
N ARG A 293 0.33 9.31 -13.99
CA ARG A 293 1.67 9.05 -14.49
C ARG A 293 2.14 10.15 -15.43
N ARG A 294 1.24 10.56 -16.33
CA ARG A 294 1.52 11.59 -17.32
CA ARG A 294 1.56 11.59 -17.32
C ARG A 294 1.64 12.98 -16.72
N GLU A 295 0.68 13.33 -15.87
CA GLU A 295 0.56 14.72 -15.39
C GLU A 295 1.48 15.02 -14.21
N ALA A 296 1.86 13.98 -13.46
CA ALA A 296 2.82 14.15 -12.37
C ALA A 296 4.22 13.66 -12.77
N LYS A 297 4.33 13.03 -13.93
N LYS A 297 4.32 12.99 -13.91
CA LYS A 297 5.61 12.50 -14.43
CA LYS A 297 5.62 12.53 -14.42
C LYS A 297 6.28 11.60 -13.40
C LYS A 297 6.29 11.58 -13.43
N LEU A 298 5.53 10.62 -12.93
CA LEU A 298 5.97 9.74 -11.87
C LEU A 298 5.61 8.30 -12.28
N PRO A 299 6.48 7.32 -12.01
CA PRO A 299 6.11 5.93 -12.26
C PRO A 299 4.93 5.56 -11.41
N VAL A 300 4.11 4.63 -11.88
CA VAL A 300 2.92 4.23 -11.13
C VAL A 300 2.70 2.73 -11.22
N THR A 301 1.97 2.24 -10.22
CA THR A 301 1.30 0.95 -10.30
C THR A 301 -0.15 1.16 -9.91
N SER A 302 -0.97 0.16 -10.22
CA SER A 302 -2.34 0.15 -9.74
C SER A 302 -2.81 -1.29 -9.70
N ALA A 303 -4.06 -1.48 -9.29
CA ALA A 303 -4.61 -2.81 -9.04
C ALA A 303 -6.10 -2.72 -9.24
N TRP A 304 -6.85 -3.65 -8.66
CA TRP A 304 -8.32 -3.63 -8.69
C TRP A 304 -8.85 -4.04 -10.05
N GLY A 305 -8.31 -5.13 -10.58
CA GLY A 305 -8.83 -5.71 -11.80
C GLY A 305 -7.86 -5.98 -12.94
N PHE A 306 -6.56 -6.04 -12.65
CA PHE A 306 -5.56 -6.31 -13.68
C PHE A 306 -5.13 -7.78 -13.66
N GLY A 307 -5.81 -8.61 -12.87
CA GLY A 307 -5.33 -9.97 -12.66
C GLY A 307 -5.69 -11.01 -13.72
N THR A 308 -5.55 -10.66 -14.99
CA THR A 308 -5.44 -11.66 -16.07
C THR A 308 -4.23 -11.30 -16.90
N PRO A 309 -3.56 -12.30 -17.49
CA PRO A 309 -2.26 -11.96 -18.09
C PRO A 309 -2.36 -10.94 -19.25
N GLN A 310 -3.41 -11.03 -20.05
CA GLN A 310 -3.57 -10.13 -21.19
C GLN A 310 -3.85 -8.70 -20.75
N LEU A 311 -4.65 -8.54 -19.68
CA LEU A 311 -4.93 -7.22 -19.13
C LEU A 311 -3.67 -6.55 -18.61
N ALA A 312 -2.89 -7.32 -17.86
CA ALA A 312 -1.62 -6.83 -17.33
C ALA A 312 -0.68 -6.41 -18.46
N GLU A 313 -0.53 -7.26 -19.47
CA GLU A 313 0.33 -6.99 -20.61
C GLU A 313 -0.15 -5.73 -21.35
N ALA A 314 -1.45 -5.61 -21.59
CA ALA A 314 -1.99 -4.44 -22.30
C ALA A 314 -1.71 -3.13 -21.55
N ALA A 315 -1.86 -3.16 -20.23
CA ALA A 315 -1.69 -1.95 -19.44
C ALA A 315 -0.28 -1.44 -19.53
N LEU A 316 0.68 -2.37 -19.54
CA LEU A 316 2.09 -2.03 -19.65
C LEU A 316 2.45 -1.52 -21.03
N GLN A 317 1.97 -2.21 -22.06
CA GLN A 317 2.30 -1.81 -23.41
C GLN A 317 1.74 -0.42 -23.74
N ALA A 318 0.59 -0.09 -23.12
CA ALA A 318 -0.05 1.22 -23.32
C ALA A 318 0.58 2.29 -22.44
N ASN A 319 1.55 1.89 -21.64
CA ASN A 319 2.22 2.80 -20.71
C ASN A 319 1.23 3.49 -19.75
N GLN A 320 0.23 2.74 -19.33
CA GLN A 320 -0.67 3.17 -18.26
C GLN A 320 0.00 2.94 -16.90
N LEU A 321 0.83 1.91 -16.83
CA LEU A 321 1.44 1.45 -15.58
C LEU A 321 2.91 1.11 -15.84
N ASP A 322 3.74 1.17 -14.80
CA ASP A 322 5.12 0.67 -14.84
C ASP A 322 5.25 -0.72 -14.24
N LEU A 323 4.47 -1.00 -13.20
CA LEU A 323 4.31 -2.32 -12.61
C LEU A 323 2.84 -2.62 -12.51
N VAL A 324 2.50 -3.90 -12.69
CA VAL A 324 1.11 -4.32 -12.52
C VAL A 324 0.95 -5.05 -11.20
N SER A 325 0.08 -4.52 -10.34
CA SER A 325 -0.18 -5.17 -9.06
C SER A 325 -1.30 -6.19 -9.21
N VAL A 326 -1.03 -7.43 -8.78
CA VAL A 326 -1.97 -8.54 -8.92
C VAL A 326 -2.15 -9.18 -7.56
N GLY A 327 -3.34 -9.00 -6.98
CA GLY A 327 -3.59 -9.35 -5.60
C GLY A 327 -4.34 -10.65 -5.45
N ARG A 328 -5.66 -10.61 -5.57
CA ARG A 328 -6.48 -11.81 -5.39
C ARG A 328 -6.08 -13.01 -6.24
N ALA A 329 -5.60 -12.80 -7.47
CA ALA A 329 -5.20 -13.95 -8.28
C ALA A 329 -4.06 -14.74 -7.64
N HIS A 330 -3.26 -14.07 -6.80
CA HIS A 330 -2.14 -14.70 -6.08
C HIS A 330 -2.60 -15.45 -4.84
N LEU A 331 -3.74 -15.06 -4.29
CA LEU A 331 -4.35 -15.83 -3.22
C LEU A 331 -4.92 -17.14 -3.79
N ALA A 332 -5.55 -17.03 -4.95
CA ALA A 332 -6.09 -18.19 -5.66
C ALA A 332 -4.96 -19.14 -6.09
N ASP A 333 -3.88 -18.58 -6.64
CA ASP A 333 -2.74 -19.35 -7.18
C ASP A 333 -1.44 -18.62 -6.87
N PRO A 334 -0.70 -19.09 -5.85
CA PRO A 334 0.52 -18.38 -5.48
C PRO A 334 1.56 -18.40 -6.60
N HIS A 335 1.37 -19.27 -7.61
CA HIS A 335 2.28 -19.35 -8.74
C HIS A 335 1.68 -18.63 -9.96
N TRP A 336 0.85 -17.62 -9.70
CA TRP A 336 0.22 -16.89 -10.80
C TRP A 336 1.22 -16.38 -11.82
N ALA A 337 2.40 -15.92 -11.40
CA ALA A 337 3.39 -15.45 -12.37
C ALA A 337 3.74 -16.54 -13.39
N TYR A 338 3.80 -17.79 -12.95
CA TYR A 338 4.10 -18.88 -13.87
C TYR A 338 2.93 -19.07 -14.85
N PHE A 339 1.72 -19.01 -14.33
CA PHE A 339 0.54 -19.08 -15.17
C PHE A 339 0.55 -17.98 -16.22
N ALA A 340 0.90 -16.77 -15.83
CA ALA A 340 0.90 -15.64 -16.74
C ALA A 340 1.99 -15.82 -17.81
N ALA A 341 3.14 -16.34 -17.39
CA ALA A 341 4.23 -16.57 -18.33
C ALA A 341 3.78 -17.59 -19.39
N LYS A 342 3.12 -18.65 -18.96
CA LYS A 342 2.59 -19.65 -19.90
C LYS A 342 1.58 -19.04 -20.86
N GLU A 343 0.66 -18.26 -20.30
CA GLU A 343 -0.41 -17.68 -21.11
CA GLU A 343 -0.42 -17.65 -21.09
C GLU A 343 0.11 -16.68 -22.13
N LEU A 344 1.16 -15.95 -21.80
CA LEU A 344 1.73 -14.96 -22.72
C LEU A 344 2.76 -15.54 -23.69
N GLY A 345 3.00 -16.85 -23.60
CA GLY A 345 3.92 -17.52 -24.51
C GLY A 345 5.39 -17.21 -24.26
N VAL A 346 5.70 -16.83 -23.03
CA VAL A 346 7.08 -16.57 -22.65
C VAL A 346 7.93 -17.84 -22.79
N GLU A 347 9.12 -17.64 -23.34
CA GLU A 347 10.10 -18.72 -23.52
C GLU A 347 10.48 -19.31 -22.17
N LYS A 348 10.51 -20.65 -22.09
CA LYS A 348 10.87 -21.36 -20.85
C LYS A 348 10.08 -20.83 -19.65
N ALA A 349 8.77 -20.75 -19.83
CA ALA A 349 7.87 -20.17 -18.85
C ALA A 349 7.98 -20.86 -17.49
N SER A 350 8.24 -22.17 -17.46
CA SER A 350 8.29 -22.86 -16.18
C SER A 350 9.45 -22.34 -15.31
N TRP A 351 10.47 -21.77 -15.92
CA TRP A 351 11.63 -21.28 -15.16
C TRP A 351 11.38 -19.91 -14.54
N THR A 352 10.12 -19.47 -14.61
CA THR A 352 9.58 -18.47 -13.71
C THR A 352 9.62 -18.99 -12.26
N LEU A 353 9.54 -20.31 -12.13
CA LEU A 353 9.61 -21.01 -10.85
C LEU A 353 11.02 -21.53 -10.58
N PRO A 354 11.32 -21.83 -9.31
CA PRO A 354 12.62 -22.42 -8.97
C PRO A 354 12.77 -23.83 -9.53
N ALA A 355 14.00 -24.29 -9.71
CA ALA A 355 14.31 -25.60 -10.30
C ALA A 355 13.49 -26.80 -9.82
N PRO A 356 13.23 -26.93 -8.51
CA PRO A 356 12.52 -28.15 -8.08
C PRO A 356 11.08 -28.23 -8.59
N TYR A 357 10.58 -27.13 -9.15
CA TYR A 357 9.28 -27.10 -9.81
C TYR A 357 9.49 -27.02 -11.32
N ALA A 358 10.36 -26.10 -11.76
CA ALA A 358 10.50 -25.77 -13.17
C ALA A 358 10.91 -26.96 -14.03
N HIS A 359 11.78 -27.81 -13.50
CA HIS A 359 12.32 -28.91 -14.28
C HIS A 359 11.20 -29.83 -14.76
N TRP A 360 10.20 -30.00 -13.91
CA TRP A 360 9.13 -30.98 -14.13
C TRP A 360 8.00 -30.45 -14.97
N LEU A 361 7.92 -29.13 -15.08
CA LEU A 361 6.81 -28.46 -15.73
C LEU A 361 7.19 -28.00 -17.13
N GLU A 362 8.48 -28.10 -17.50
CA GLU A 362 8.92 -27.68 -18.84
C GLU A 362 8.06 -28.34 -19.92
C9A FNR B . -6.07 -6.07 0.22
N10 FNR B . -5.76 -4.70 -0.14
CAA FNR B . -4.93 -4.03 0.62
N1 FNR B . -4.42 -2.88 0.19
C2 FNR B . -3.51 -2.25 0.89
O2 FNR B . -3.08 -1.13 0.43
N3 FNR B . -3.01 -2.74 1.96
C4 FNR B . -3.42 -3.94 2.44
O4 FNR B . -2.84 -4.41 3.41
C4A FNR B . -4.57 -4.47 1.85
N5 FNR B . -5.25 -5.56 2.36
C5A FNR B . -5.79 -6.45 1.42
C6 FNR B . -6.10 -7.71 1.81
C7 FNR B . -6.47 -8.62 0.89
C7M FNR B . -6.77 -10.00 1.33
C8 FNR B . -6.92 -8.16 -0.21
C8M FNR B . -7.51 -9.11 -1.28
C9 FNR B . -6.69 -6.88 -0.55
C1' FNR B . -6.00 -4.29 -1.61
C2' FNR B . -5.03 -5.01 -2.55
O2' FNR B . -3.74 -4.54 -2.41
C3' FNR B . -5.43 -4.79 -4.01
O3' FNR B . -5.51 -3.39 -4.27
C4' FNR B . -6.75 -5.43 -4.39
O4' FNR B . -6.65 -6.79 -4.02
C5' FNR B . -7.11 -5.26 -5.87
O5' FNR B . -6.22 -5.95 -6.70
P FNR B . -6.71 -7.38 -7.34
O1P FNR B . -7.08 -8.24 -6.19
O2P FNR B . -7.86 -7.14 -8.13
O3P FNR B . -5.58 -7.85 -8.08
H3 FNR B . -2.26 -2.21 2.46
H5 FNR B . -5.63 -5.53 3.33
H7 FNR B . -6.05 -8.00 2.85
H7M1 FNR B . -5.92 -10.61 1.17
H7M2 FNR B . -7.59 -10.37 0.77
H7M3 FNR B . -7.01 -9.99 2.36
H8M1 FNR B . -8.54 -9.27 -1.08
H8M2 FNR B . -7.39 -8.68 -2.24
H8M3 FNR B . -6.99 -10.03 -1.24
H9 FNR B . -7.03 -6.52 -1.52
H1'1 FNR B . -5.86 -3.21 -1.72
H1'2 FNR B . -7.02 -4.52 -1.90
H6 FNR B . -5.06 -6.08 -2.32
H2' FNR B . -3.47 -4.58 -1.48
H4 FNR B . -4.65 -5.24 -4.65
H3' FNR B . -4.70 -2.97 -3.96
H2 FNR B . -7.54 -4.94 -3.79
H4' FNR B . -6.35 -6.84 -3.10
H5'1 FNR B . -7.08 -4.20 -6.13
H5'2 FNR B . -8.12 -5.61 -6.04
S SO4 C . 7.74 -24.05 -20.96
O1 SO4 C . 8.92 -24.85 -21.27
O2 SO4 C . 6.57 -24.80 -21.38
O3 SO4 C . 7.63 -23.80 -19.54
O4 SO4 C . 7.79 -22.79 -21.71
S SO4 D . -8.45 -12.02 18.64
O1 SO4 D . -7.33 -12.53 17.85
O2 SO4 D . -9.45 -11.45 17.77
O3 SO4 D . -9.03 -13.12 19.42
O4 SO4 D . -7.97 -11.02 19.60
S SO4 E . -18.34 16.97 3.17
O1 SO4 E . -17.00 17.31 2.68
O2 SO4 E . -19.34 17.51 2.26
O3 SO4 E . -18.47 15.50 3.25
O4 SO4 E . -18.52 17.54 4.49
#